data_1XO2
#
_entry.id   1XO2
#
_cell.length_a   66.162
_cell.length_b   66.162
_cell.length_c   448.596
_cell.angle_alpha   90
_cell.angle_beta   90
_cell.angle_gamma   120
#
_symmetry.space_group_name_H-M   'P 65 2 2'
#
loop_
_entity.id
_entity.type
_entity.pdbx_description
1 polymer Cyclin
2 polymer 'Cell division protein kinase 6'
3 non-polymer "3,7,3',4'-TETRAHYDROXYFLAVONE"
#
loop_
_entity_poly.entity_id
_entity_poly.type
_entity_poly.pdbx_seq_one_letter_code
_entity_poly.pdbx_strand_id
1 'polypeptide(L)'
;MADSPNRLNRAKIDSTTMKDPRVLNNLKLRELLLPKFTSLWEIQTEVTVDNRTILLTWMHLLCESFELDKSVFPLSVSIL
DRYLCKKQGTKKTLQKIGAACVLIGSKIRTVKPMTVSKLTYLSCDCFTNLELINQEKDILEALKWDTEAVLATDFLIPLC
NALKIPEDLWPQLYEAASTTICKALIQPNIALLSPGLICAGGLLTTIETDNTNCRPWTCYLEDLSSILNFSTNTVRTVKD
QVSEAFSLYDLEIL
;
A
2 'polypeptide(L)'
;MEKDGLCRADQQYECVAEIGEGAYGKVFKARDLKNGGRFVALKRVRVQTGEEGMPLSTIREVAVLRHLETFEHPNVVRLF
DVCTVSRTDRETKLTLVFEHVDQDLTTYLDKVPEPGVPTETIKDMMFQLLRGLDFLHSHRVVHRDLKPQNILVTSSGQIK
LADFGLARIYSFQMALTSVVVTLWYRAPEVLLQSSYATPVDLWSVGCIFAEMFRRKPLFRGSSDVDQLGKILDVIGLPGE
EDWPRDVALPRQAFHSKSAQPIEKFVTDIDELGKDLLLKCLTFNPAKRISAYSALSHPYFQDLERCKE
;
B
#
loop_
_chem_comp.id
_chem_comp.type
_chem_comp.name
_chem_comp.formula
FSE non-polymer 3,7,3',4'-TETRAHYDROXYFLAVONE 'C15 H10 O6'
#
# COMPACT_ATOMS: atom_id res chain seq x y z
N ASN A 9 -1.08 -4.09 -18.66
CA ASN A 9 -1.14 -3.91 -17.17
C ASN A 9 -2.20 -4.77 -16.52
N ARG A 10 -1.80 -5.53 -15.50
CA ARG A 10 -2.70 -6.41 -14.78
C ARG A 10 -3.43 -5.66 -13.68
N ALA A 11 -4.72 -5.39 -13.87
CA ALA A 11 -5.50 -4.69 -12.84
C ALA A 11 -5.88 -5.68 -11.70
N LYS A 12 -6.00 -5.16 -10.49
CA LYS A 12 -6.33 -5.98 -9.32
C LYS A 12 -7.80 -6.33 -9.10
N ILE A 13 -8.05 -7.58 -8.70
CA ILE A 13 -9.40 -8.07 -8.44
C ILE A 13 -9.73 -8.07 -6.93
N ASP A 14 -10.79 -8.78 -6.54
CA ASP A 14 -11.19 -8.82 -5.14
C ASP A 14 -10.20 -9.62 -4.33
N SER A 15 -10.02 -9.18 -3.08
CA SER A 15 -9.16 -9.83 -2.10
C SER A 15 -10.04 -9.79 -0.87
N THR A 16 -10.59 -10.94 -0.51
CA THR A 16 -11.47 -11.01 0.65
C THR A 16 -10.87 -10.56 1.97
N THR A 17 -9.55 -10.55 2.08
CA THR A 17 -8.95 -10.16 3.35
C THR A 17 -8.62 -8.67 3.38
N MET A 18 -8.68 -8.06 2.19
CA MET A 18 -8.40 -6.64 2.05
C MET A 18 -9.71 -5.85 2.00
N LYS A 19 -10.78 -6.54 1.60
CA LYS A 19 -12.08 -5.89 1.51
C LYS A 19 -13.28 -6.78 1.80
N ASP A 20 -13.38 -7.27 3.03
CA ASP A 20 -14.49 -8.12 3.50
C ASP A 20 -14.62 -8.26 5.05
N PRO A 21 -13.54 -8.00 5.84
CA PRO A 21 -13.56 -8.11 7.31
C PRO A 21 -14.08 -6.95 8.17
N ARG A 22 -13.11 -6.17 8.62
CA ARG A 22 -13.28 -4.99 9.48
C ARG A 22 -12.21 -3.98 9.06
N VAL A 23 -12.08 -3.82 7.75
CA VAL A 23 -11.16 -2.89 7.16
C VAL A 23 -11.88 -1.55 7.26
N LEU A 24 -13.20 -1.63 7.29
CA LEU A 24 -14.04 -0.46 7.37
C LEU A 24 -13.79 0.25 8.70
N ASN A 25 -13.79 -0.51 9.79
CA ASN A 25 -13.56 0.10 11.09
C ASN A 25 -12.25 0.88 11.07
N ASN A 26 -11.24 0.30 10.43
CA ASN A 26 -9.93 0.93 10.36
C ASN A 26 -9.91 2.15 9.44
N LEU A 27 -10.66 2.09 8.35
CA LEU A 27 -10.74 3.22 7.42
C LEU A 27 -11.41 4.38 8.13
N LYS A 28 -12.48 4.09 8.87
CA LYS A 28 -13.20 5.12 9.63
C LYS A 28 -12.24 5.73 10.65
N LEU A 29 -11.44 4.87 11.25
CA LEU A 29 -10.47 5.27 12.26
C LEU A 29 -9.36 6.15 11.70
N ARG A 30 -8.66 5.64 10.69
CA ARG A 30 -7.57 6.36 10.06
C ARG A 30 -8.06 7.69 9.48
N GLU A 31 -9.35 7.76 9.21
CA GLU A 31 -10.00 8.97 8.69
C GLU A 31 -9.90 10.08 9.74
N LEU A 32 -10.37 9.78 10.94
CA LEU A 32 -10.35 10.71 12.05
C LEU A 32 -8.92 10.95 12.59
N LEU A 33 -7.93 10.90 11.73
CA LEU A 33 -6.55 11.13 12.17
C LEU A 33 -5.96 12.38 11.55
N LEU A 34 -6.76 13.04 10.71
CA LEU A 34 -6.37 14.28 10.08
C LEU A 34 -7.45 15.20 10.62
N PRO A 35 -7.35 15.57 11.90
CA PRO A 35 -8.37 16.46 12.45
C PRO A 35 -8.40 17.72 11.58
N LYS A 36 -9.58 18.30 11.43
CA LYS A 36 -9.71 19.49 10.62
C LYS A 36 -9.20 20.73 11.32
N PHE A 37 -9.95 21.21 12.31
CA PHE A 37 -9.58 22.38 13.09
C PHE A 37 -9.40 23.68 12.31
N THR A 38 -9.00 23.60 11.05
CA THR A 38 -8.83 24.80 10.25
C THR A 38 -9.67 24.80 8.97
N SER A 39 -9.97 25.98 8.48
CA SER A 39 -10.78 26.18 7.28
C SER A 39 -10.02 25.86 5.98
N LEU A 40 -10.73 25.69 4.87
CA LEU A 40 -10.07 25.39 3.59
C LEU A 40 -9.15 26.53 3.12
N TRP A 41 -7.86 26.23 2.96
CA TRP A 41 -6.85 27.22 2.54
C TRP A 41 -6.90 28.49 3.37
N GLU A 42 -7.26 28.35 4.64
CA GLU A 42 -7.39 29.45 5.61
C GLU A 42 -6.22 30.43 5.68
N ILE A 43 -5.01 29.90 5.66
CA ILE A 43 -3.80 30.69 5.76
C ILE A 43 -3.43 31.50 4.51
N GLN A 44 -3.62 30.92 3.34
CA GLN A 44 -3.29 31.62 2.10
C GLN A 44 -3.89 33.03 2.08
N THR A 45 -3.07 34.00 1.67
CA THR A 45 -3.49 35.39 1.60
C THR A 45 -3.44 35.97 0.20
N GLU A 46 -3.13 35.15 -0.79
CA GLU A 46 -3.05 35.68 -2.14
C GLU A 46 -3.79 34.83 -3.14
N VAL A 47 -4.08 33.60 -2.77
CA VAL A 47 -4.81 32.69 -3.63
C VAL A 47 -6.15 32.47 -2.96
N THR A 48 -7.21 32.36 -3.76
CA THR A 48 -8.55 32.15 -3.22
C THR A 48 -9.06 30.76 -3.47
N VAL A 49 -10.31 30.55 -3.08
CA VAL A 49 -10.97 29.27 -3.24
C VAL A 49 -11.27 29.07 -4.71
N ASP A 50 -11.64 30.14 -5.40
CA ASP A 50 -11.96 30.04 -6.80
C ASP A 50 -10.72 29.60 -7.57
N ASN A 51 -9.54 29.96 -7.05
CA ASN A 51 -8.28 29.56 -7.68
C ASN A 51 -8.13 28.06 -7.54
N ARG A 52 -8.57 27.54 -6.39
CA ARG A 52 -8.52 26.11 -6.11
C ARG A 52 -9.41 25.37 -7.09
N THR A 53 -10.68 25.78 -7.17
CA THR A 53 -11.63 25.16 -8.08
C THR A 53 -11.08 25.07 -9.51
N ILE A 54 -10.35 26.09 -9.91
CA ILE A 54 -9.76 26.12 -11.25
C ILE A 54 -8.63 25.12 -11.33
N LEU A 55 -7.67 25.25 -10.39
CA LEU A 55 -6.50 24.37 -10.34
C LEU A 55 -6.91 22.90 -10.33
N LEU A 56 -7.94 22.62 -9.55
CA LEU A 56 -8.44 21.27 -9.42
C LEU A 56 -9.07 20.76 -10.71
N THR A 57 -9.63 21.64 -11.54
CA THR A 57 -10.25 21.20 -12.79
C THR A 57 -9.17 20.76 -13.79
N TRP A 58 -8.00 21.38 -13.69
CA TRP A 58 -6.86 21.05 -14.52
C TRP A 58 -6.19 19.75 -14.02
N MET A 59 -6.09 19.57 -12.71
CA MET A 59 -5.49 18.34 -12.18
C MET A 59 -6.37 17.15 -12.55
N HIS A 60 -7.68 17.31 -12.37
CA HIS A 60 -8.66 16.27 -12.69
C HIS A 60 -8.52 15.92 -14.16
N LEU A 61 -8.32 16.95 -14.97
CA LEU A 61 -8.19 16.74 -16.41
C LEU A 61 -6.91 15.96 -16.73
N LEU A 62 -5.86 16.26 -15.98
CA LEU A 62 -4.58 15.60 -16.16
C LEU A 62 -4.67 14.12 -15.84
N CYS A 63 -5.24 13.81 -14.67
CA CYS A 63 -5.37 12.42 -14.23
C CYS A 63 -6.31 11.60 -15.11
N GLU A 64 -7.38 12.23 -15.57
CA GLU A 64 -8.32 11.52 -16.40
C GLU A 64 -7.71 11.27 -17.77
N SER A 65 -7.16 12.32 -18.37
CA SER A 65 -6.57 12.17 -19.69
C SER A 65 -5.51 11.07 -19.75
N PHE A 66 -4.63 11.02 -18.76
CA PHE A 66 -3.56 10.03 -18.74
C PHE A 66 -3.99 8.66 -18.19
N GLU A 67 -5.29 8.51 -17.98
CA GLU A 67 -5.85 7.26 -17.46
C GLU A 67 -5.16 6.72 -16.22
N LEU A 68 -4.82 7.61 -15.29
CA LEU A 68 -4.17 7.21 -14.05
C LEU A 68 -5.19 6.47 -13.18
N ASP A 69 -4.70 5.70 -12.20
CA ASP A 69 -5.58 4.95 -11.30
C ASP A 69 -6.48 5.94 -10.54
N LYS A 70 -7.76 5.59 -10.44
CA LYS A 70 -8.75 6.42 -9.77
C LYS A 70 -8.33 7.07 -8.45
N SER A 71 -7.33 6.51 -7.78
CA SER A 71 -6.89 7.06 -6.49
C SER A 71 -5.92 8.23 -6.54
N VAL A 72 -5.36 8.51 -7.73
CA VAL A 72 -4.40 9.59 -7.92
C VAL A 72 -4.96 10.99 -7.63
N PHE A 73 -6.00 11.37 -8.38
CA PHE A 73 -6.60 12.68 -8.19
C PHE A 73 -7.00 12.99 -6.75
N PRO A 74 -7.70 12.07 -6.08
CA PRO A 74 -8.05 12.43 -4.70
C PRO A 74 -6.93 12.42 -3.69
N LEU A 75 -5.75 11.98 -4.11
CA LEU A 75 -4.60 11.95 -3.19
C LEU A 75 -3.85 13.25 -3.49
N SER A 76 -3.96 13.66 -4.75
CA SER A 76 -3.34 14.89 -5.23
C SER A 76 -3.98 16.08 -4.52
N VAL A 77 -5.31 16.05 -4.44
CA VAL A 77 -6.08 17.10 -3.79
C VAL A 77 -5.72 17.17 -2.31
N SER A 78 -5.57 16.00 -1.71
CA SER A 78 -5.22 15.86 -0.31
C SER A 78 -3.88 16.53 -0.08
N ILE A 79 -2.88 16.10 -0.84
CA ILE A 79 -1.56 16.69 -0.69
C ILE A 79 -1.72 18.21 -0.80
N LEU A 80 -2.17 18.67 -1.96
CA LEU A 80 -2.39 20.09 -2.21
C LEU A 80 -2.97 20.87 -1.01
N ASP A 81 -4.12 20.43 -0.51
CA ASP A 81 -4.72 21.14 0.62
C ASP A 81 -3.84 21.13 1.85
N ARG A 82 -3.30 19.97 2.19
CA ARG A 82 -2.43 19.87 3.35
C ARG A 82 -1.26 20.83 3.17
N TYR A 83 -0.53 20.70 2.07
CA TYR A 83 0.60 21.59 1.82
C TYR A 83 0.22 23.07 1.95
N LEU A 84 -0.96 23.44 1.48
CA LEU A 84 -1.39 24.83 1.52
C LEU A 84 -1.95 25.23 2.88
N CYS A 85 -1.57 24.47 3.89
CA CYS A 85 -1.99 24.76 5.25
C CYS A 85 -0.71 25.16 5.98
N LYS A 86 0.42 24.79 5.38
CA LYS A 86 1.74 25.03 5.94
C LYS A 86 2.61 25.99 5.13
N LYS A 87 2.33 26.12 3.84
CA LYS A 87 3.11 27.01 3.02
C LYS A 87 2.24 27.92 2.15
N GLN A 88 2.79 29.07 1.79
CA GLN A 88 2.08 30.04 1.00
C GLN A 88 2.20 29.76 -0.48
N GLY A 89 1.19 30.15 -1.23
CA GLY A 89 1.21 29.95 -2.66
C GLY A 89 0.81 31.26 -3.33
N THR A 90 1.33 31.50 -4.52
CA THR A 90 1.01 32.71 -5.25
C THR A 90 0.21 32.39 -6.52
N LYS A 91 -0.53 33.38 -7.00
CA LYS A 91 -1.34 33.21 -8.20
C LYS A 91 -0.57 32.66 -9.38
N LYS A 92 0.70 33.02 -9.49
CA LYS A 92 1.47 32.55 -10.63
C LYS A 92 2.27 31.30 -10.28
N THR A 93 1.99 30.80 -9.09
CA THR A 93 2.69 29.62 -8.59
C THR A 93 1.83 28.34 -8.44
N LEU A 94 0.51 28.50 -8.27
CA LEU A 94 -0.40 27.37 -8.12
C LEU A 94 -0.20 26.25 -9.13
N GLN A 95 -0.25 26.59 -10.42
CA GLN A 95 -0.10 25.59 -11.49
C GLN A 95 1.06 24.65 -11.22
N LYS A 96 2.20 25.21 -10.81
CA LYS A 96 3.37 24.39 -10.51
C LYS A 96 3.20 23.57 -9.23
N ILE A 97 2.64 24.19 -8.18
CA ILE A 97 2.40 23.53 -6.91
C ILE A 97 1.49 22.33 -7.16
N GLY A 98 0.40 22.57 -7.87
CA GLY A 98 -0.56 21.52 -8.18
C GLY A 98 0.06 20.44 -9.06
N ALA A 99 0.89 20.85 -10.01
CA ALA A 99 1.55 19.90 -10.92
C ALA A 99 2.30 18.90 -10.06
N ALA A 100 3.06 19.46 -9.11
CA ALA A 100 3.90 18.71 -8.17
C ALA A 100 3.09 17.75 -7.27
N CYS A 101 1.88 18.14 -6.89
CA CYS A 101 1.06 17.27 -6.06
C CYS A 101 0.62 16.08 -6.92
N VAL A 102 0.38 16.32 -8.21
CA VAL A 102 -0.03 15.23 -9.09
C VAL A 102 1.17 14.30 -9.31
N LEU A 103 2.35 14.89 -9.43
CA LEU A 103 3.57 14.10 -9.61
C LEU A 103 3.66 13.15 -8.40
N ILE A 104 3.71 13.70 -7.19
CA ILE A 104 3.80 12.89 -5.98
C ILE A 104 2.66 11.87 -5.89
N GLY A 105 1.43 12.38 -5.92
CA GLY A 105 0.28 11.51 -5.81
C GLY A 105 0.30 10.31 -6.72
N SER A 106 0.63 10.55 -7.99
CA SER A 106 0.69 9.51 -9.01
C SER A 106 1.82 8.50 -8.77
N LYS A 107 2.96 8.98 -8.29
CA LYS A 107 4.10 8.12 -7.99
C LYS A 107 3.66 6.99 -7.02
N ILE A 108 2.80 7.35 -6.08
CA ILE A 108 2.30 6.43 -5.07
C ILE A 108 1.16 5.50 -5.48
N ARG A 109 0.01 6.09 -5.79
CA ARG A 109 -1.17 5.30 -6.14
C ARG A 109 -1.35 4.69 -7.54
N THR A 110 -0.42 4.91 -8.47
CA THR A 110 -0.57 4.31 -9.80
C THR A 110 0.75 3.69 -10.30
N VAL A 111 0.62 2.64 -11.08
CA VAL A 111 1.79 1.94 -11.59
C VAL A 111 2.70 2.75 -12.52
N LYS A 112 2.15 3.39 -13.54
CA LYS A 112 2.99 4.19 -14.45
C LYS A 112 2.89 5.67 -14.07
N PRO A 113 3.85 6.16 -13.28
CA PRO A 113 3.89 7.54 -12.81
C PRO A 113 3.83 8.61 -13.90
N MET A 114 3.31 9.75 -13.51
CA MET A 114 3.19 10.89 -14.38
C MET A 114 4.59 11.50 -14.35
N THR A 115 5.28 11.58 -15.49
CA THR A 115 6.64 12.13 -15.50
C THR A 115 6.72 13.65 -15.38
N VAL A 116 7.94 14.17 -15.25
CA VAL A 116 8.09 15.62 -15.13
C VAL A 116 7.92 16.31 -16.46
N SER A 117 8.36 15.65 -17.53
CA SER A 117 8.23 16.23 -18.86
C SER A 117 6.75 16.39 -19.17
N LYS A 118 5.96 15.37 -18.82
CA LYS A 118 4.53 15.38 -19.06
C LYS A 118 3.83 16.55 -18.38
N LEU A 119 4.37 16.99 -17.25
CA LEU A 119 3.80 18.09 -16.48
C LEU A 119 4.37 19.47 -16.85
N THR A 120 5.58 19.48 -17.38
CA THR A 120 6.23 20.74 -17.77
C THR A 120 5.65 21.20 -19.07
N TYR A 121 5.79 20.37 -20.09
CA TYR A 121 5.29 20.66 -21.42
C TYR A 121 3.88 21.23 -21.27
N LEU A 122 3.28 20.97 -20.10
CA LEU A 122 1.93 21.45 -19.79
C LEU A 122 1.94 22.54 -18.70
N SER A 123 1.95 23.80 -19.13
CA SER A 123 1.94 24.93 -18.20
C SER A 123 1.71 26.23 -18.96
N PHE A 127 7.42 26.40 -16.30
CA PHE A 127 8.53 26.02 -15.42
C PHE A 127 9.55 25.08 -16.07
N THR A 128 10.74 25.02 -15.48
CA THR A 128 11.79 24.15 -16.00
C THR A 128 11.72 22.79 -15.29
N ASN A 129 12.20 21.75 -15.95
CA ASN A 129 12.19 20.41 -15.37
C ASN A 129 13.23 20.33 -14.26
N LEU A 130 13.22 21.33 -13.38
CA LEU A 130 14.13 21.42 -12.25
C LEU A 130 13.43 22.34 -11.27
N GLU A 131 12.38 22.98 -11.76
CA GLU A 131 11.59 23.89 -10.95
C GLU A 131 10.47 23.04 -10.37
N LEU A 132 10.05 22.06 -11.15
CA LEU A 132 9.02 21.12 -10.75
C LEU A 132 9.62 20.26 -9.63
N ILE A 133 10.84 19.79 -9.86
CA ILE A 133 11.58 18.96 -8.91
C ILE A 133 11.82 19.62 -7.56
N ASN A 134 12.24 20.88 -7.57
CA ASN A 134 12.47 21.55 -6.30
C ASN A 134 11.12 21.79 -5.63
N GLN A 135 10.05 21.70 -6.41
CA GLN A 135 8.71 21.92 -5.87
C GLN A 135 8.24 20.64 -5.19
N GLU A 136 8.48 19.50 -5.83
CA GLU A 136 8.11 18.21 -5.25
C GLU A 136 8.79 18.12 -3.88
N LYS A 137 10.07 18.48 -3.86
CA LYS A 137 10.88 18.49 -2.65
C LYS A 137 10.27 19.38 -1.56
N ASP A 138 10.13 20.66 -1.87
CA ASP A 138 9.57 21.61 -0.91
C ASP A 138 8.24 21.18 -0.34
N ILE A 139 7.50 20.35 -1.07
CA ILE A 139 6.20 19.87 -0.60
C ILE A 139 6.39 18.75 0.41
N LEU A 140 7.32 17.85 0.10
CA LEU A 140 7.63 16.71 0.97
C LEU A 140 8.16 17.14 2.33
N GLU A 141 9.22 17.94 2.32
CA GLU A 141 9.81 18.41 3.56
C GLU A 141 8.74 19.06 4.40
N ALA A 142 7.86 19.79 3.72
CA ALA A 142 6.76 20.50 4.37
C ALA A 142 5.81 19.57 5.11
N LEU A 143 5.55 18.42 4.50
CA LEU A 143 4.65 17.44 5.08
C LEU A 143 5.40 16.36 5.84
N LYS A 144 6.70 16.60 6.05
CA LYS A 144 7.54 15.65 6.77
C LYS A 144 7.42 14.27 6.12
N TRP A 145 7.36 14.30 4.79
CA TRP A 145 7.25 13.11 3.95
C TRP A 145 5.99 12.29 4.24
N ASP A 146 5.12 12.79 5.11
CA ASP A 146 3.89 12.07 5.45
C ASP A 146 2.86 12.29 4.33
N THR A 147 3.15 11.72 3.16
CA THR A 147 2.31 11.88 1.98
C THR A 147 0.94 11.22 1.87
N GLU A 148 0.89 9.92 2.14
CA GLU A 148 -0.34 9.13 2.07
C GLU A 148 -1.54 9.69 2.88
N ALA A 149 -2.73 9.11 2.68
CA ALA A 149 -3.93 9.56 3.38
C ALA A 149 -5.16 8.70 3.05
N VAL A 150 -6.24 8.89 3.82
CA VAL A 150 -7.49 8.17 3.62
C VAL A 150 -8.25 8.91 2.52
N LEU A 151 -8.55 8.23 1.43
CA LEU A 151 -9.25 8.84 0.30
C LEU A 151 -10.73 8.49 0.21
N ALA A 152 -11.54 9.46 -0.18
CA ALA A 152 -12.99 9.24 -0.29
C ALA A 152 -13.17 7.98 -1.11
N THR A 153 -12.31 7.88 -2.13
CA THR A 153 -12.29 6.77 -3.06
C THR A 153 -11.97 5.42 -2.37
N ASP A 154 -11.35 5.46 -1.20
CA ASP A 154 -11.01 4.22 -0.50
C ASP A 154 -12.24 3.44 0.01
N PHE A 155 -13.34 4.12 0.35
CA PHE A 155 -14.53 3.46 0.90
C PHE A 155 -15.43 2.67 -0.06
N LEU A 156 -15.36 2.94 -1.36
CA LEU A 156 -16.22 2.27 -2.33
C LEU A 156 -16.52 0.80 -2.10
N ILE A 157 -15.50 -0.07 -2.17
CA ILE A 157 -15.74 -1.50 -1.96
C ILE A 157 -16.20 -1.80 -0.54
N PRO A 158 -15.40 -1.45 0.47
CA PRO A 158 -15.85 -1.74 1.83
C PRO A 158 -17.35 -1.47 2.03
N LEU A 159 -17.81 -0.29 1.63
CA LEU A 159 -19.23 0.06 1.79
C LEU A 159 -20.17 -0.84 1.00
N CYS A 160 -19.81 -1.14 -0.24
CA CYS A 160 -20.65 -2.01 -1.06
C CYS A 160 -20.85 -3.34 -0.31
N ASN A 161 -19.75 -3.91 0.17
CA ASN A 161 -19.78 -5.19 0.89
C ASN A 161 -20.63 -5.10 2.14
N ALA A 162 -20.33 -4.12 2.98
CA ALA A 162 -21.06 -3.88 4.21
C ALA A 162 -22.53 -3.61 3.90
N LEU A 163 -22.79 -2.97 2.75
CA LEU A 163 -24.15 -2.68 2.33
C LEU A 163 -24.77 -3.89 1.64
N LYS A 164 -24.01 -4.99 1.60
CA LYS A 164 -24.52 -6.22 0.99
C LYS A 164 -24.75 -6.14 -0.53
N ILE A 165 -24.24 -5.11 -1.18
CA ILE A 165 -24.41 -5.02 -2.63
C ILE A 165 -23.67 -6.20 -3.25
N PRO A 166 -24.31 -6.90 -4.19
CA PRO A 166 -23.70 -8.06 -4.86
C PRO A 166 -22.42 -7.77 -5.69
N GLU A 167 -21.38 -8.54 -5.41
CA GLU A 167 -20.08 -8.42 -6.07
C GLU A 167 -20.05 -8.28 -7.59
N ASP A 168 -20.90 -9.01 -8.31
CA ASP A 168 -20.87 -8.89 -9.77
C ASP A 168 -21.24 -7.49 -10.24
N LEU A 169 -21.60 -6.62 -9.30
CA LEU A 169 -21.97 -5.25 -9.63
C LEU A 169 -20.77 -4.36 -9.37
N TRP A 170 -20.04 -4.68 -8.30
CA TRP A 170 -18.87 -3.94 -7.88
C TRP A 170 -18.08 -3.25 -8.99
N PRO A 171 -17.57 -4.01 -9.98
CA PRO A 171 -16.79 -3.43 -11.07
C PRO A 171 -17.46 -2.25 -11.76
N GLN A 172 -18.70 -2.45 -12.22
CA GLN A 172 -19.43 -1.37 -12.87
C GLN A 172 -19.81 -0.31 -11.83
N LEU A 173 -20.31 -0.75 -10.68
CA LEU A 173 -20.69 0.17 -9.62
C LEU A 173 -19.50 1.03 -9.22
N TYR A 174 -18.34 0.37 -9.04
CA TYR A 174 -17.10 1.03 -8.68
C TYR A 174 -16.66 2.02 -9.75
N GLU A 175 -16.72 1.57 -11.00
CA GLU A 175 -16.30 2.40 -12.12
C GLU A 175 -16.96 3.77 -12.10
N ALA A 176 -18.28 3.82 -12.01
CA ALA A 176 -18.98 5.10 -11.99
C ALA A 176 -18.78 5.86 -10.69
N ALA A 177 -19.00 5.17 -9.57
CA ALA A 177 -18.83 5.79 -8.26
C ALA A 177 -17.55 6.63 -8.17
N SER A 178 -16.44 6.00 -8.52
CA SER A 178 -15.14 6.65 -8.50
C SER A 178 -15.13 7.92 -9.34
N THR A 179 -15.55 7.79 -10.60
CA THR A 179 -15.59 8.89 -11.54
C THR A 179 -16.33 10.13 -11.01
N THR A 180 -17.57 9.96 -10.61
CA THR A 180 -18.33 11.11 -10.10
C THR A 180 -17.68 11.67 -8.82
N ILE A 181 -17.23 10.81 -7.93
CA ILE A 181 -16.62 11.30 -6.70
C ILE A 181 -15.42 12.18 -7.04
N CYS A 182 -14.64 11.78 -8.03
CA CYS A 182 -13.48 12.60 -8.41
C CYS A 182 -13.93 13.98 -8.89
N LYS A 183 -14.97 14.03 -9.71
CA LYS A 183 -15.49 15.31 -10.20
C LYS A 183 -16.08 16.10 -9.05
N ALA A 184 -16.69 15.41 -8.10
CA ALA A 184 -17.29 16.11 -6.98
C ALA A 184 -16.21 16.74 -6.11
N LEU A 185 -15.05 16.09 -5.98
CA LEU A 185 -13.98 16.63 -5.12
C LEU A 185 -13.42 17.97 -5.60
N ILE A 186 -13.69 18.30 -6.86
CA ILE A 186 -13.24 19.55 -7.43
C ILE A 186 -13.90 20.72 -6.71
N GLN A 187 -15.19 20.54 -6.41
CA GLN A 187 -15.98 21.55 -5.73
C GLN A 187 -15.50 21.80 -4.31
N PRO A 188 -15.34 23.08 -3.92
CA PRO A 188 -14.88 23.45 -2.57
C PRO A 188 -15.81 23.01 -1.43
N ASN A 189 -17.11 23.04 -1.67
CA ASN A 189 -18.08 22.65 -0.64
C ASN A 189 -17.88 21.23 -0.13
N ILE A 190 -17.20 20.39 -0.91
CA ILE A 190 -16.98 19.01 -0.53
C ILE A 190 -15.76 18.79 0.35
N ALA A 191 -14.79 19.70 0.27
CA ALA A 191 -13.59 19.58 1.06
C ALA A 191 -13.89 19.60 2.56
N LEU A 192 -15.12 19.92 2.93
CA LEU A 192 -15.47 19.96 4.34
C LEU A 192 -15.65 18.54 4.84
N LEU A 193 -16.55 17.84 4.15
CA LEU A 193 -16.94 16.47 4.41
C LEU A 193 -15.78 15.49 4.59
N SER A 194 -16.06 14.41 5.31
CA SER A 194 -15.07 13.37 5.54
C SER A 194 -15.10 12.44 4.32
N PRO A 195 -14.00 11.72 4.05
CA PRO A 195 -13.94 10.82 2.90
C PRO A 195 -14.99 9.72 3.00
N GLY A 196 -15.34 9.33 4.22
CA GLY A 196 -16.35 8.30 4.42
C GLY A 196 -17.72 8.69 3.88
N LEU A 197 -18.17 9.90 4.22
CA LEU A 197 -19.45 10.40 3.76
C LEU A 197 -19.39 10.73 2.27
N ILE A 198 -18.35 11.47 1.88
CA ILE A 198 -18.20 11.84 0.49
C ILE A 198 -18.36 10.62 -0.41
N CYS A 199 -17.94 9.45 0.09
CA CYS A 199 -18.04 8.21 -0.67
C CYS A 199 -19.48 7.77 -0.74
N ALA A 200 -20.07 7.57 0.44
CA ALA A 200 -21.47 7.20 0.54
C ALA A 200 -22.28 7.99 -0.50
N GLY A 201 -22.34 9.31 -0.31
CA GLY A 201 -23.07 10.15 -1.24
C GLY A 201 -22.76 9.80 -2.68
N GLY A 202 -21.49 9.48 -2.95
CA GLY A 202 -21.08 9.15 -4.31
C GLY A 202 -21.64 7.84 -4.81
N LEU A 203 -21.81 6.90 -3.89
CA LEU A 203 -22.34 5.59 -4.23
C LEU A 203 -23.82 5.76 -4.50
N LEU A 204 -24.51 6.44 -3.57
CA LEU A 204 -25.94 6.70 -3.71
C LEU A 204 -26.24 7.40 -5.03
N THR A 205 -25.48 8.46 -5.30
CA THR A 205 -25.63 9.23 -6.52
C THR A 205 -25.49 8.34 -7.77
N THR A 206 -24.46 7.50 -7.76
CA THR A 206 -24.21 6.59 -8.87
C THR A 206 -25.30 5.54 -8.97
N ILE A 207 -25.66 4.97 -7.84
CA ILE A 207 -26.70 3.96 -7.77
C ILE A 207 -27.97 4.55 -8.40
N GLU A 208 -28.31 5.77 -8.00
CA GLU A 208 -29.48 6.47 -8.51
C GLU A 208 -29.52 6.57 -10.03
N THR A 209 -28.83 7.57 -10.55
CA THR A 209 -28.77 7.83 -11.98
C THR A 209 -28.25 6.67 -12.81
N ASP A 210 -28.64 5.47 -12.44
CA ASP A 210 -28.25 4.25 -13.11
C ASP A 210 -28.63 3.05 -12.25
N ASN A 211 -29.84 2.54 -12.46
CA ASN A 211 -30.32 1.40 -11.71
C ASN A 211 -29.48 0.18 -12.04
N THR A 212 -28.65 -0.23 -11.08
CA THR A 212 -27.80 -1.39 -11.25
C THR A 212 -28.41 -2.57 -10.49
N ASN A 213 -29.70 -2.81 -10.72
CA ASN A 213 -30.41 -3.91 -10.05
C ASN A 213 -30.28 -3.76 -8.54
N CYS A 214 -29.99 -2.53 -8.11
CA CYS A 214 -29.86 -2.22 -6.69
C CYS A 214 -31.19 -1.72 -6.17
N ARG A 215 -31.66 -2.31 -5.09
CA ARG A 215 -32.91 -1.88 -4.49
C ARG A 215 -32.82 -0.36 -4.49
N PRO A 216 -33.97 0.32 -4.53
CA PRO A 216 -33.95 1.79 -4.52
C PRO A 216 -32.78 2.35 -3.70
N TRP A 217 -32.03 3.28 -4.27
CA TRP A 217 -30.89 3.83 -3.56
C TRP A 217 -31.30 4.19 -2.14
N THR A 218 -32.57 4.52 -1.97
CA THR A 218 -33.12 4.89 -0.66
C THR A 218 -33.35 3.68 0.27
N CYS A 219 -32.48 2.69 0.21
CA CYS A 219 -32.62 1.52 1.07
C CYS A 219 -31.43 1.38 2.00
N TYR A 220 -30.24 1.58 1.45
CA TYR A 220 -29.01 1.47 2.22
C TYR A 220 -28.88 2.75 3.03
N LEU A 221 -29.88 3.62 2.89
CA LEU A 221 -29.92 4.90 3.59
C LEU A 221 -29.68 4.75 5.10
N GLU A 222 -30.16 3.64 5.66
CA GLU A 222 -30.01 3.34 7.08
C GLU A 222 -28.65 2.71 7.38
N ASP A 223 -28.40 1.56 6.77
CA ASP A 223 -27.13 0.85 6.94
C ASP A 223 -25.98 1.85 6.88
N LEU A 224 -25.95 2.69 5.85
CA LEU A 224 -24.89 3.69 5.72
C LEU A 224 -24.82 4.52 7.00
N SER A 225 -25.97 4.88 7.56
CA SER A 225 -25.98 5.67 8.78
C SER A 225 -25.46 4.89 9.98
N SER A 226 -25.94 3.66 10.13
CA SER A 226 -25.51 2.82 11.24
C SER A 226 -24.02 2.52 11.10
N ILE A 227 -23.57 2.40 9.85
CA ILE A 227 -22.18 2.13 9.50
C ILE A 227 -21.29 3.34 9.80
N LEU A 228 -21.55 4.44 9.10
CA LEU A 228 -20.78 5.68 9.26
C LEU A 228 -21.06 6.43 10.59
N ASN A 229 -22.07 5.96 11.33
CA ASN A 229 -22.43 6.56 12.62
C ASN A 229 -23.15 7.92 12.57
N PHE A 230 -23.39 8.45 11.38
CA PHE A 230 -24.11 9.72 11.26
C PHE A 230 -25.60 9.36 11.14
N SER A 231 -26.48 10.36 11.09
CA SER A 231 -27.92 10.11 10.96
C SER A 231 -28.26 9.76 9.52
N THR A 232 -29.52 9.92 9.14
CA THR A 232 -29.92 9.64 7.77
C THR A 232 -30.06 10.95 7.03
N ASN A 233 -30.39 12.01 7.76
CA ASN A 233 -30.55 13.33 7.15
C ASN A 233 -29.17 13.73 6.64
N THR A 234 -28.15 13.27 7.36
CA THR A 234 -26.75 13.55 7.04
C THR A 234 -26.34 12.87 5.72
N VAL A 235 -26.59 11.58 5.62
CA VAL A 235 -26.25 10.82 4.42
C VAL A 235 -26.95 11.41 3.18
N ARG A 236 -28.24 11.70 3.30
CA ARG A 236 -28.98 12.28 2.18
C ARG A 236 -28.40 13.64 1.78
N THR A 237 -28.20 14.50 2.78
CA THR A 237 -27.65 15.82 2.54
C THR A 237 -26.40 15.68 1.68
N VAL A 238 -25.52 14.78 2.10
CA VAL A 238 -24.29 14.51 1.38
C VAL A 238 -24.55 13.98 -0.03
N LYS A 239 -25.55 13.11 -0.19
CA LYS A 239 -25.86 12.59 -1.52
C LYS A 239 -26.23 13.73 -2.45
N ASP A 240 -26.93 14.71 -1.89
CA ASP A 240 -27.36 15.86 -2.67
C ASP A 240 -26.18 16.75 -3.04
N GLN A 241 -25.27 16.94 -2.08
CA GLN A 241 -24.06 17.76 -2.29
C GLN A 241 -23.12 17.22 -3.35
N VAL A 242 -22.82 15.91 -3.27
CA VAL A 242 -21.91 15.30 -4.21
C VAL A 242 -22.54 15.33 -5.60
N SER A 243 -23.86 15.19 -5.65
CA SER A 243 -24.54 15.23 -6.94
C SER A 243 -24.44 16.65 -7.51
N GLU A 244 -24.41 17.63 -6.61
CA GLU A 244 -24.31 19.04 -6.99
C GLU A 244 -22.92 19.31 -7.53
N ALA A 245 -21.92 19.12 -6.67
CA ALA A 245 -20.53 19.31 -7.03
C ALA A 245 -20.30 18.67 -8.40
N PHE A 246 -20.87 17.48 -8.59
CA PHE A 246 -20.74 16.74 -9.84
C PHE A 246 -21.23 17.53 -11.07
N SER A 247 -22.43 18.10 -10.98
CA SER A 247 -23.02 18.86 -12.07
C SER A 247 -22.35 20.22 -12.28
N LEU A 248 -21.78 20.76 -11.21
CA LEU A 248 -21.10 22.05 -11.32
C LEU A 248 -19.77 21.88 -12.04
N TYR A 249 -19.32 20.64 -12.22
CA TYR A 249 -18.06 20.41 -12.94
C TYR A 249 -18.18 21.09 -14.30
N ASP A 250 -17.29 22.03 -14.61
CA ASP A 250 -17.35 22.72 -15.89
C ASP A 250 -16.00 23.17 -16.45
N LEU A 251 -15.66 22.64 -17.62
CA LEU A 251 -14.40 22.96 -18.29
C LEU A 251 -14.26 24.41 -18.74
N GLU A 252 -15.34 25.16 -18.74
CA GLU A 252 -15.30 26.57 -19.17
C GLU A 252 -14.63 27.53 -18.19
N ILE A 253 -14.11 26.99 -17.10
CA ILE A 253 -13.44 27.79 -16.07
C ILE A 253 -11.93 27.87 -16.36
N LEU A 254 -11.46 26.99 -17.24
CA LEU A 254 -10.05 26.94 -17.61
C LEU A 254 -9.65 28.02 -18.62
N GLN B 11 24.98 14.37 8.06
CA GLN B 11 26.05 15.27 8.61
C GLN B 11 26.61 14.78 9.95
N GLN B 12 25.76 14.19 10.78
CA GLN B 12 26.17 13.69 12.08
C GLN B 12 26.11 12.16 12.16
N TYR B 13 26.02 11.50 11.01
CA TYR B 13 25.97 10.04 11.00
C TYR B 13 27.28 9.45 10.53
N GLU B 14 27.99 8.78 11.43
CA GLU B 14 29.26 8.15 11.10
C GLU B 14 29.02 6.68 10.73
N CYS B 15 29.04 6.42 9.42
CA CYS B 15 28.82 5.08 8.88
C CYS B 15 29.81 4.06 9.45
N VAL B 16 29.28 3.03 10.09
CA VAL B 16 30.11 1.98 10.67
C VAL B 16 30.35 0.83 9.70
N ALA B 17 29.31 0.40 9.00
CA ALA B 17 29.46 -0.70 8.05
C ALA B 17 28.15 -1.11 7.38
N GLU B 18 28.26 -1.58 6.13
CA GLU B 18 27.10 -2.01 5.36
C GLU B 18 26.51 -3.29 5.93
N ILE B 19 25.17 -3.35 5.99
CA ILE B 19 24.48 -4.54 6.49
C ILE B 19 23.59 -5.07 5.39
N GLY B 20 24.15 -5.13 4.20
CA GLY B 20 23.39 -5.60 3.05
C GLY B 20 22.95 -4.40 2.25
N GLU B 21 22.90 -4.55 0.93
CA GLU B 21 22.48 -3.44 0.10
C GLU B 21 21.24 -3.81 -0.73
N GLY B 22 20.32 -2.85 -0.82
CA GLY B 22 19.12 -3.09 -1.59
C GLY B 22 19.48 -3.05 -3.07
N ALA B 23 18.57 -2.50 -3.87
CA ALA B 23 18.78 -2.40 -5.31
C ALA B 23 19.13 -0.98 -5.73
N TYR B 24 18.51 0.01 -5.09
CA TYR B 24 18.76 1.40 -5.41
C TYR B 24 19.52 2.10 -4.30
N GLY B 25 20.33 1.34 -3.57
CA GLY B 25 21.10 1.90 -2.48
C GLY B 25 21.42 0.92 -1.37
N LYS B 26 22.66 0.94 -0.90
CA LYS B 26 23.08 0.05 0.17
C LYS B 26 22.45 0.47 1.50
N VAL B 27 22.61 -0.36 2.52
CA VAL B 27 22.06 -0.08 3.83
C VAL B 27 23.15 -0.21 4.90
N PHE B 28 23.70 0.92 5.31
CA PHE B 28 24.77 0.94 6.31
C PHE B 28 24.24 1.08 7.74
N LYS B 29 25.04 0.64 8.70
CA LYS B 29 24.69 0.72 10.11
C LYS B 29 25.58 1.86 10.59
N ALA B 30 25.03 2.82 11.31
CA ALA B 30 25.86 3.95 11.75
C ALA B 30 25.63 4.46 13.18
N ARG B 31 26.47 5.41 13.57
CA ARG B 31 26.39 6.02 14.88
C ARG B 31 25.89 7.44 14.64
N ASP B 32 25.49 8.13 15.70
CA ASP B 32 24.98 9.49 15.57
C ASP B 32 25.16 10.27 16.87
N LEU B 33 25.46 11.55 16.74
CA LEU B 33 25.65 12.41 17.89
C LEU B 33 24.34 12.73 18.63
N LYS B 34 23.24 12.09 18.23
CA LYS B 34 21.95 12.31 18.87
C LYS B 34 21.92 11.61 20.23
N ASN B 35 22.26 10.32 20.23
CA ASN B 35 22.33 9.52 21.43
C ASN B 35 23.76 8.98 21.48
N GLY B 36 24.33 8.88 22.67
CA GLY B 36 25.69 8.39 22.83
C GLY B 36 26.28 7.78 21.57
N GLY B 37 26.21 6.46 21.47
CA GLY B 37 26.74 5.78 20.30
C GLY B 37 25.65 5.12 19.48
N ARG B 38 24.40 5.37 19.88
CA ARG B 38 23.21 4.83 19.22
C ARG B 38 23.41 4.38 17.78
N PHE B 39 22.84 3.21 17.46
CA PHE B 39 22.93 2.67 16.11
C PHE B 39 21.58 2.85 15.41
N VAL B 40 21.58 3.53 14.26
CA VAL B 40 20.35 3.71 13.49
C VAL B 40 20.64 3.16 12.11
N ALA B 41 19.67 2.46 11.52
CA ALA B 41 19.87 1.89 10.18
C ALA B 41 19.77 3.01 9.15
N LEU B 42 20.75 3.10 8.26
CA LEU B 42 20.77 4.13 7.23
C LEU B 42 20.56 3.62 5.83
N LYS B 43 19.43 3.99 5.24
CA LYS B 43 19.11 3.58 3.88
C LYS B 43 19.18 4.83 3.02
N ARG B 44 20.36 5.08 2.46
CA ARG B 44 20.54 6.23 1.60
C ARG B 44 20.36 5.85 0.14
N VAL B 45 19.47 6.59 -0.54
CA VAL B 45 19.16 6.36 -1.95
C VAL B 45 19.80 7.42 -2.84
N ARG B 46 20.44 6.99 -3.93
CA ARG B 46 21.10 7.90 -4.86
C ARG B 46 20.08 8.55 -5.79
N VAL B 47 19.67 9.77 -5.45
CA VAL B 47 18.69 10.50 -6.24
C VAL B 47 19.35 11.28 -7.37
N GLN B 48 19.88 10.55 -8.34
CA GLN B 48 20.57 11.15 -9.48
C GLN B 48 19.66 12.18 -10.15
N THR B 49 20.24 13.32 -10.51
CA THR B 49 19.50 14.40 -11.15
C THR B 49 19.01 14.06 -12.56
N GLY B 50 18.41 12.88 -12.71
CA GLY B 50 17.90 12.48 -14.00
C GLY B 50 16.89 13.49 -14.47
N GLU B 51 15.68 13.43 -13.92
CA GLU B 51 14.62 14.37 -14.26
C GLU B 51 13.29 13.91 -13.70
N GLU B 52 13.30 12.81 -12.96
CA GLU B 52 12.06 12.31 -12.40
C GLU B 52 11.78 12.75 -10.97
N GLY B 53 12.73 13.44 -10.36
CA GLY B 53 12.54 13.90 -9.00
C GLY B 53 12.81 12.79 -8.01
N MET B 54 12.22 12.90 -6.82
CA MET B 54 12.41 11.89 -5.79
C MET B 54 11.98 10.50 -6.23
N PRO B 55 12.81 9.48 -5.94
CA PRO B 55 12.51 8.10 -6.31
C PRO B 55 11.21 7.59 -5.70
N LEU B 56 10.33 7.10 -6.57
CA LEU B 56 9.02 6.56 -6.22
C LEU B 56 9.07 5.63 -4.98
N SER B 57 10.01 4.69 -5.01
CA SER B 57 10.16 3.75 -3.91
C SER B 57 10.28 4.52 -2.61
N THR B 58 11.35 5.29 -2.50
CA THR B 58 11.61 6.05 -1.31
C THR B 58 10.35 6.75 -0.81
N ILE B 59 9.51 7.17 -1.75
CA ILE B 59 8.29 7.87 -1.36
C ILE B 59 7.22 6.93 -0.84
N ARG B 60 6.80 5.95 -1.63
CA ARG B 60 5.79 4.98 -1.17
C ARG B 60 6.13 4.48 0.22
N GLU B 61 7.32 3.95 0.37
CA GLU B 61 7.78 3.43 1.65
C GLU B 61 7.53 4.41 2.82
N VAL B 62 8.23 5.53 2.79
CA VAL B 62 8.08 6.51 3.86
C VAL B 62 6.59 6.86 4.06
N ALA B 63 5.86 6.97 2.95
CA ALA B 63 4.44 7.31 3.04
C ALA B 63 3.71 6.29 3.89
N VAL B 64 3.81 5.01 3.49
CA VAL B 64 3.16 3.92 4.22
C VAL B 64 3.58 3.89 5.68
N LEU B 65 4.88 3.73 5.92
CA LEU B 65 5.37 3.70 7.28
C LEU B 65 4.83 4.89 8.06
N ARG B 66 5.11 6.11 7.58
CA ARG B 66 4.64 7.32 8.25
C ARG B 66 3.12 7.38 8.46
N HIS B 67 2.36 6.69 7.61
CA HIS B 67 0.91 6.71 7.74
C HIS B 67 0.29 5.82 8.84
N LEU B 68 1.06 4.86 9.33
CA LEU B 68 0.54 3.95 10.34
C LEU B 68 1.27 4.13 11.65
N GLU B 69 2.45 4.72 11.59
CA GLU B 69 3.24 4.93 12.78
C GLU B 69 2.41 5.10 14.06
N THR B 70 1.51 6.08 14.11
CA THR B 70 0.67 6.29 15.31
C THR B 70 0.26 5.00 16.01
N PHE B 71 -0.02 3.97 15.22
CA PHE B 71 -0.43 2.70 15.78
C PHE B 71 0.67 1.98 16.53
N GLU B 72 1.91 2.45 16.41
CA GLU B 72 3.07 1.85 17.06
C GLU B 72 3.03 0.32 17.10
N HIS B 73 2.70 -0.29 15.97
CA HIS B 73 2.62 -1.74 15.91
C HIS B 73 3.98 -2.36 16.20
N PRO B 74 4.01 -3.38 17.08
CA PRO B 74 5.21 -4.11 17.52
C PRO B 74 6.03 -4.74 16.40
N ASN B 75 5.34 -5.41 15.48
CA ASN B 75 6.01 -6.10 14.40
C ASN B 75 6.44 -5.33 13.15
N VAL B 76 6.33 -4.01 13.18
CA VAL B 76 6.73 -3.19 12.04
C VAL B 76 7.96 -2.35 12.38
N VAL B 77 8.96 -2.34 11.52
CA VAL B 77 10.16 -1.54 11.83
C VAL B 77 9.86 -0.06 11.93
N ARG B 78 10.66 0.67 12.72
CA ARG B 78 10.46 2.10 12.91
C ARG B 78 11.35 3.02 12.05
N LEU B 79 10.73 4.04 11.48
CA LEU B 79 11.41 5.00 10.63
C LEU B 79 11.72 6.22 11.46
N PHE B 80 13.01 6.49 11.63
CA PHE B 80 13.47 7.61 12.43
C PHE B 80 13.47 8.98 11.76
N ASP B 81 14.06 9.06 10.58
CA ASP B 81 14.15 10.33 9.89
C ASP B 81 14.47 10.17 8.41
N VAL B 82 14.45 11.30 7.70
CA VAL B 82 14.74 11.38 6.28
C VAL B 82 15.66 12.57 6.07
N CYS B 83 16.92 12.32 5.72
CA CYS B 83 17.91 13.37 5.47
C CYS B 83 18.12 13.55 3.98
N THR B 84 18.27 14.81 3.56
CA THR B 84 18.47 15.11 2.15
C THR B 84 19.41 16.28 1.92
N VAL B 85 20.48 16.04 1.18
CA VAL B 85 21.44 17.10 0.85
C VAL B 85 21.16 17.51 -0.59
N SER B 86 20.82 18.79 -0.79
CA SER B 86 20.50 19.33 -2.10
C SER B 86 21.72 19.55 -3.00
N ARG B 87 22.91 19.33 -2.45
CA ARG B 87 24.16 19.51 -3.19
C ARG B 87 24.06 19.00 -4.62
N GLU B 91 24.42 15.13 -8.29
CA GLU B 91 23.15 14.58 -7.84
C GLU B 91 22.87 14.96 -6.39
N THR B 92 21.71 14.54 -5.90
CA THR B 92 21.33 14.80 -4.52
C THR B 92 21.38 13.47 -3.77
N LYS B 93 21.63 13.53 -2.47
CA LYS B 93 21.69 12.32 -1.67
C LYS B 93 20.55 12.23 -0.66
N LEU B 94 19.70 11.23 -0.85
CA LEU B 94 18.55 11.01 0.02
C LEU B 94 18.90 9.91 1.03
N THR B 95 19.04 10.29 2.30
CA THR B 95 19.35 9.31 3.33
C THR B 95 18.19 9.10 4.29
N LEU B 96 17.59 7.92 4.20
CA LEU B 96 16.46 7.54 5.05
C LEU B 96 17.06 6.84 6.28
N VAL B 97 16.72 7.30 7.47
CA VAL B 97 17.25 6.71 8.70
C VAL B 97 16.22 5.92 9.51
N PHE B 98 16.46 4.62 9.64
CA PHE B 98 15.57 3.74 10.39
C PHE B 98 16.17 3.34 11.75
N GLU B 99 15.50 2.42 12.43
CA GLU B 99 16.00 1.94 13.71
C GLU B 99 16.90 0.78 13.34
N HIS B 100 17.84 0.44 14.22
CA HIS B 100 18.73 -0.68 13.95
C HIS B 100 18.49 -1.85 14.87
N VAL B 101 18.21 -3.00 14.27
CA VAL B 101 17.98 -4.22 15.00
C VAL B 101 19.31 -4.98 14.93
N ASP B 102 19.53 -5.92 15.86
CA ASP B 102 20.78 -6.66 15.92
C ASP B 102 21.18 -7.42 14.64
N GLN B 103 20.21 -7.92 13.89
CA GLN B 103 20.49 -8.66 12.65
C GLN B 103 19.21 -9.04 11.91
N ASP B 104 19.35 -9.35 10.63
CA ASP B 104 18.20 -9.78 9.86
C ASP B 104 18.00 -11.24 10.17
N LEU B 105 16.96 -11.85 9.59
CA LEU B 105 16.66 -13.26 9.83
C LEU B 105 17.64 -14.22 9.15
N THR B 106 18.10 -13.88 7.94
CA THR B 106 19.04 -14.77 7.26
C THR B 106 20.30 -14.93 8.09
N THR B 107 20.72 -13.85 8.74
CA THR B 107 21.91 -13.87 9.60
C THR B 107 21.68 -14.75 10.84
N TYR B 108 20.48 -14.66 11.39
CA TYR B 108 20.13 -15.47 12.54
C TYR B 108 20.00 -16.94 12.12
N LEU B 109 19.43 -17.17 10.95
CA LEU B 109 19.25 -18.53 10.44
C LEU B 109 20.55 -19.19 10.04
N ASP B 110 21.67 -18.70 10.56
CA ASP B 110 22.96 -19.28 10.24
C ASP B 110 23.73 -19.47 11.53
N LYS B 111 23.95 -18.35 12.23
CA LYS B 111 24.67 -18.32 13.50
C LYS B 111 23.97 -19.06 14.63
N VAL B 112 22.95 -19.83 14.28
CA VAL B 112 22.19 -20.58 15.28
C VAL B 112 22.82 -21.96 15.45
N PRO B 113 23.15 -22.35 16.69
CA PRO B 113 23.75 -23.65 17.01
C PRO B 113 22.89 -24.82 16.55
N GLU B 114 23.52 -25.97 16.34
CA GLU B 114 22.81 -27.17 15.88
C GLU B 114 21.94 -27.78 16.97
N PRO B 115 20.80 -28.38 16.58
CA PRO B 115 20.30 -28.50 15.21
C PRO B 115 19.31 -27.45 14.76
N GLY B 116 19.78 -26.23 14.52
CA GLY B 116 18.91 -25.15 14.07
C GLY B 116 18.15 -24.42 15.15
N VAL B 117 16.98 -23.91 14.80
CA VAL B 117 16.15 -23.20 15.76
C VAL B 117 15.22 -24.19 16.43
N PRO B 118 14.96 -23.99 17.73
CA PRO B 118 14.08 -24.86 18.50
C PRO B 118 12.63 -24.69 18.04
N THR B 119 11.98 -25.80 17.71
CA THR B 119 10.60 -25.81 17.22
C THR B 119 9.64 -24.79 17.87
N GLU B 120 9.93 -24.36 19.10
CA GLU B 120 9.07 -23.38 19.73
C GLU B 120 9.45 -21.96 19.33
N THR B 121 10.75 -21.71 19.14
CA THR B 121 11.21 -20.39 18.72
C THR B 121 10.76 -20.07 17.30
N ILE B 122 10.68 -21.10 16.48
CA ILE B 122 10.25 -20.94 15.10
C ILE B 122 8.75 -20.70 15.04
N LYS B 123 8.05 -21.04 16.12
CA LYS B 123 6.61 -20.85 16.21
C LYS B 123 6.27 -19.40 16.66
N ASP B 124 7.08 -18.88 17.57
CA ASP B 124 6.91 -17.55 18.12
C ASP B 124 7.23 -16.42 17.14
N MET B 125 8.09 -16.70 16.16
CA MET B 125 8.44 -15.69 15.17
C MET B 125 7.39 -15.79 14.08
N MET B 126 6.99 -17.02 13.74
CA MET B 126 6.00 -17.22 12.71
C MET B 126 4.69 -16.57 13.12
N PHE B 127 4.54 -16.39 14.43
CA PHE B 127 3.33 -15.77 14.99
C PHE B 127 3.51 -14.28 14.77
N GLN B 128 4.58 -13.74 15.35
CA GLN B 128 4.95 -12.33 15.25
C GLN B 128 4.96 -11.85 13.82
N LEU B 129 5.31 -12.76 12.91
CA LEU B 129 5.40 -12.46 11.49
C LEU B 129 3.99 -12.36 10.95
N LEU B 130 3.08 -13.19 11.46
CA LEU B 130 1.69 -13.14 11.03
C LEU B 130 0.94 -11.95 11.66
N ARG B 131 1.49 -11.42 12.75
CA ARG B 131 0.85 -10.31 13.43
C ARG B 131 1.11 -9.01 12.70
N GLY B 132 2.21 -8.97 11.95
CA GLY B 132 2.52 -7.75 11.20
C GLY B 132 1.65 -7.71 9.96
N LEU B 133 1.55 -8.85 9.30
CA LEU B 133 0.73 -8.93 8.10
C LEU B 133 -0.75 -8.67 8.40
N ASP B 134 -1.29 -9.24 9.48
CA ASP B 134 -2.69 -9.02 9.81
C ASP B 134 -2.92 -7.52 9.91
N PHE B 135 -2.00 -6.84 10.61
CA PHE B 135 -2.08 -5.38 10.78
C PHE B 135 -1.99 -4.73 9.40
N LEU B 136 -0.87 -4.96 8.71
CA LEU B 136 -0.69 -4.41 7.40
C LEU B 136 -1.96 -4.54 6.56
N HIS B 137 -2.37 -5.77 6.29
CA HIS B 137 -3.56 -6.02 5.47
C HIS B 137 -4.84 -5.40 6.01
N SER B 138 -4.99 -5.35 7.33
CA SER B 138 -6.23 -4.79 7.88
C SER B 138 -6.37 -3.31 7.50
N HIS B 139 -5.27 -2.71 7.03
CA HIS B 139 -5.29 -1.32 6.58
C HIS B 139 -5.12 -1.21 5.05
N ARG B 140 -5.39 -2.31 4.35
CA ARG B 140 -5.31 -2.37 2.90
C ARG B 140 -3.89 -2.20 2.29
N VAL B 141 -2.87 -2.59 3.06
CA VAL B 141 -1.49 -2.50 2.59
C VAL B 141 -0.91 -3.88 2.24
N VAL B 142 -0.12 -3.94 1.18
CA VAL B 142 0.53 -5.18 0.76
C VAL B 142 2.06 -5.00 0.69
N HIS B 143 2.77 -5.72 1.56
CA HIS B 143 4.23 -5.69 1.64
C HIS B 143 4.72 -6.69 0.61
N ARG B 144 4.71 -6.28 -0.65
CA ARG B 144 5.08 -7.18 -1.74
C ARG B 144 6.51 -7.67 -1.86
N ASP B 145 7.27 -7.65 -0.76
CA ASP B 145 8.67 -8.11 -0.81
C ASP B 145 9.18 -8.83 0.45
N LEU B 146 8.42 -9.81 0.96
CA LEU B 146 8.86 -10.57 2.15
C LEU B 146 9.94 -11.60 1.86
N LYS B 147 11.00 -11.55 2.66
CA LYS B 147 12.11 -12.49 2.50
C LYS B 147 12.99 -12.32 3.73
N PRO B 148 13.67 -13.41 4.13
CA PRO B 148 14.56 -13.41 5.29
C PRO B 148 15.38 -12.12 5.45
N GLN B 149 15.92 -11.62 4.34
CA GLN B 149 16.73 -10.40 4.36
C GLN B 149 15.94 -9.19 4.79
N ASN B 150 14.62 -9.22 4.62
CA ASN B 150 13.81 -8.08 5.02
C ASN B 150 13.16 -8.19 6.41
N ILE B 151 13.49 -9.25 7.15
CA ILE B 151 12.94 -9.42 8.50
C ILE B 151 14.02 -9.09 9.53
N LEU B 152 13.75 -8.16 10.43
CA LEU B 152 14.74 -7.83 11.45
C LEU B 152 14.48 -8.62 12.75
N VAL B 153 15.50 -9.33 13.22
CA VAL B 153 15.40 -10.14 14.44
C VAL B 153 16.18 -9.52 15.59
N THR B 154 15.49 -9.07 16.62
CA THR B 154 16.16 -8.47 17.77
C THR B 154 16.70 -9.56 18.68
N SER B 155 17.69 -9.19 19.49
CA SER B 155 18.30 -10.13 20.42
C SER B 155 17.22 -10.72 21.33
N SER B 156 16.31 -9.84 21.76
CA SER B 156 15.20 -10.21 22.65
C SER B 156 14.28 -11.24 22.00
N GLY B 157 14.42 -11.40 20.68
CA GLY B 157 13.61 -12.36 19.96
C GLY B 157 12.45 -11.77 19.17
N GLN B 158 12.20 -10.47 19.35
CA GLN B 158 11.12 -9.78 18.65
C GLN B 158 11.34 -9.68 17.12
N ILE B 159 10.24 -9.76 16.36
CA ILE B 159 10.30 -9.68 14.90
C ILE B 159 9.80 -8.37 14.31
N LYS B 160 10.54 -7.85 13.35
CA LYS B 160 10.21 -6.58 12.69
C LYS B 160 10.20 -6.73 11.16
N LEU B 161 9.14 -6.24 10.51
CA LEU B 161 9.05 -6.29 9.04
C LEU B 161 9.79 -5.05 8.49
N ALA B 162 10.61 -5.24 7.47
CA ALA B 162 11.37 -4.12 6.91
C ALA B 162 11.35 -4.02 5.39
N ASP B 163 11.89 -2.93 4.86
CA ASP B 163 11.96 -2.69 3.42
C ASP B 163 10.59 -2.67 2.74
N PHE B 164 9.86 -1.58 2.95
CA PHE B 164 8.54 -1.43 2.36
C PHE B 164 8.66 -0.79 0.98
N GLY B 165 9.85 -0.88 0.39
CA GLY B 165 10.08 -0.30 -0.91
C GLY B 165 9.00 -0.54 -1.95
N LEU B 166 8.38 -1.72 -1.91
CA LEU B 166 7.32 -2.08 -2.85
C LEU B 166 5.93 -2.02 -2.23
N ALA B 167 5.88 -1.67 -0.95
CA ALA B 167 4.61 -1.63 -0.28
C ALA B 167 3.70 -0.55 -0.87
N ARG B 168 2.41 -0.87 -1.03
CA ARG B 168 1.47 0.11 -1.55
C ARG B 168 0.03 -0.15 -1.12
N ILE B 169 -0.73 0.93 -1.00
CA ILE B 169 -2.15 0.87 -0.61
C ILE B 169 -2.90 0.20 -1.77
N TYR B 170 -3.43 -0.99 -1.50
CA TYR B 170 -4.13 -1.82 -2.49
C TYR B 170 -5.63 -1.50 -2.64
N SER B 171 -6.02 -1.03 -3.81
CA SER B 171 -7.41 -0.68 -4.08
C SER B 171 -7.92 -1.40 -5.32
N PHE B 172 -9.23 -1.66 -5.34
CA PHE B 172 -9.92 -2.33 -6.43
C PHE B 172 -9.62 -1.73 -7.81
N GLN B 173 -9.51 -2.62 -8.80
CA GLN B 173 -9.25 -2.30 -10.20
C GLN B 173 -7.99 -1.49 -10.44
N MET B 174 -7.08 -1.52 -9.48
CA MET B 174 -5.80 -0.81 -9.57
C MET B 174 -4.87 -1.61 -10.48
N ALA B 175 -4.14 -0.93 -11.36
CA ALA B 175 -3.23 -1.61 -12.27
C ALA B 175 -2.05 -2.15 -11.50
N LEU B 176 -1.41 -3.19 -12.02
CA LEU B 176 -0.29 -3.81 -11.34
C LEU B 176 0.99 -4.04 -12.17
N THR B 177 2.14 -3.82 -11.54
CA THR B 177 3.43 -4.02 -12.21
C THR B 177 3.68 -5.50 -12.41
N SER B 178 4.39 -5.83 -13.47
CA SER B 178 4.72 -7.21 -13.81
C SER B 178 5.76 -7.87 -12.93
N VAL B 179 6.18 -7.21 -11.85
CA VAL B 179 7.23 -7.81 -11.03
C VAL B 179 7.48 -7.37 -9.60
N VAL B 180 7.89 -8.37 -8.78
CA VAL B 180 8.28 -8.27 -7.34
C VAL B 180 8.37 -9.57 -6.52
N VAL B 181 9.27 -9.53 -5.54
CA VAL B 181 9.57 -10.64 -4.61
C VAL B 181 10.73 -11.47 -5.18
N THR B 182 11.96 -11.09 -4.85
CA THR B 182 13.17 -11.79 -5.32
C THR B 182 12.93 -12.88 -6.38
N LEU B 183 12.31 -13.99 -5.95
CA LEU B 183 12.00 -15.12 -6.83
C LEU B 183 11.62 -16.34 -6.01
N TRP B 184 12.55 -16.76 -5.16
CA TRP B 184 12.35 -17.92 -4.30
C TRP B 184 11.23 -17.69 -3.31
N TYR B 185 10.60 -16.53 -3.38
CA TYR B 185 9.50 -16.19 -2.49
C TYR B 185 8.30 -15.67 -3.25
N ARG B 186 8.43 -15.58 -4.58
CA ARG B 186 7.33 -15.08 -5.42
C ARG B 186 6.22 -16.13 -5.45
N ALA B 187 4.97 -15.65 -5.41
CA ALA B 187 3.82 -16.55 -5.43
C ALA B 187 3.48 -16.99 -6.85
N PRO B 188 3.02 -18.23 -7.03
CA PRO B 188 2.68 -18.75 -8.35
C PRO B 188 1.99 -17.73 -9.26
N GLU B 189 0.92 -17.09 -8.76
CA GLU B 189 0.19 -16.11 -9.56
C GLU B 189 1.08 -14.99 -10.08
N VAL B 190 2.10 -14.65 -9.29
CA VAL B 190 3.05 -13.62 -9.69
C VAL B 190 3.94 -14.19 -10.77
N LEU B 191 4.50 -15.37 -10.52
CA LEU B 191 5.37 -16.00 -11.50
C LEU B 191 4.65 -16.26 -12.81
N LEU B 192 3.33 -16.18 -12.79
CA LEU B 192 2.52 -16.44 -13.97
C LEU B 192 2.07 -15.22 -14.75
N GLN B 193 2.27 -14.04 -14.16
CA GLN B 193 1.91 -12.77 -14.78
C GLN B 193 0.41 -12.48 -14.68
N SER B 194 -0.16 -12.79 -13.52
CA SER B 194 -1.57 -12.58 -13.28
C SER B 194 -1.75 -11.54 -12.15
N SER B 195 -3.02 -11.25 -11.81
CA SER B 195 -3.33 -10.30 -10.75
C SER B 195 -2.81 -10.84 -9.40
N TYR B 196 -2.88 -10.00 -8.37
CA TYR B 196 -2.43 -10.43 -7.06
C TYR B 196 -2.81 -9.44 -5.97
N ALA B 197 -2.66 -9.85 -4.72
CA ALA B 197 -2.99 -8.98 -3.62
C ALA B 197 -2.36 -9.47 -2.33
N THR B 198 -3.10 -9.38 -1.24
CA THR B 198 -2.58 -9.79 0.06
C THR B 198 -2.03 -11.22 0.06
N PRO B 199 -2.67 -12.13 -0.67
CA PRO B 199 -2.17 -13.51 -0.68
C PRO B 199 -0.66 -13.66 -0.97
N VAL B 200 -0.11 -12.79 -1.80
CA VAL B 200 1.31 -12.81 -2.14
C VAL B 200 2.22 -12.89 -0.91
N ASP B 201 1.85 -12.16 0.16
CA ASP B 201 2.62 -12.13 1.41
C ASP B 201 2.47 -13.43 2.20
N LEU B 202 1.33 -14.09 2.03
CA LEU B 202 1.07 -15.35 2.71
C LEU B 202 1.95 -16.43 2.08
N TRP B 203 2.10 -16.35 0.76
CA TRP B 203 2.95 -17.28 0.04
C TRP B 203 4.39 -17.11 0.52
N SER B 204 4.82 -15.86 0.65
CA SER B 204 6.16 -15.55 1.14
C SER B 204 6.34 -16.04 2.56
N VAL B 205 5.39 -15.74 3.43
CA VAL B 205 5.47 -16.15 4.84
C VAL B 205 5.57 -17.67 4.92
N GLY B 206 4.84 -18.35 4.05
CA GLY B 206 4.92 -19.80 4.02
C GLY B 206 6.35 -20.20 3.69
N CYS B 207 6.87 -19.66 2.59
CA CYS B 207 8.24 -19.95 2.13
C CYS B 207 9.25 -19.66 3.24
N ILE B 208 9.01 -18.60 3.99
CA ILE B 208 9.87 -18.18 5.09
C ILE B 208 9.64 -19.09 6.30
N PHE B 209 8.44 -19.64 6.39
CA PHE B 209 8.09 -20.54 7.48
C PHE B 209 8.78 -21.86 7.23
N ALA B 210 8.63 -22.36 6.02
CA ALA B 210 9.22 -23.62 5.64
C ALA B 210 10.73 -23.48 5.67
N GLU B 211 11.19 -22.24 5.69
CA GLU B 211 12.62 -21.97 5.68
C GLU B 211 13.22 -21.81 7.06
N MET B 212 12.41 -21.68 8.09
CA MET B 212 12.93 -21.52 9.45
C MET B 212 13.38 -22.84 10.05
N PHE B 213 12.70 -23.92 9.68
CA PHE B 213 13.05 -25.26 10.16
C PHE B 213 14.40 -25.54 9.51
N ARG B 214 14.36 -25.90 8.23
CA ARG B 214 15.59 -26.14 7.49
C ARG B 214 16.17 -24.76 7.21
N ARG B 215 17.38 -24.50 7.69
CA ARG B 215 18.01 -23.19 7.48
C ARG B 215 18.42 -22.91 6.02
N LYS B 216 17.51 -23.08 5.07
CA LYS B 216 17.84 -22.86 3.68
C LYS B 216 16.59 -22.78 2.79
N PRO B 217 16.57 -21.83 1.83
CA PRO B 217 15.47 -21.61 0.89
C PRO B 217 14.79 -22.87 0.42
N LEU B 218 13.45 -22.87 0.49
CA LEU B 218 12.64 -24.00 0.08
C LEU B 218 12.49 -24.13 -1.42
N PHE B 219 12.46 -23.00 -2.11
CA PHE B 219 12.31 -23.02 -3.57
C PHE B 219 13.33 -22.12 -4.25
N ARG B 220 14.56 -22.59 -4.33
CA ARG B 220 15.63 -21.83 -4.98
C ARG B 220 15.58 -22.15 -6.49
N GLY B 221 15.20 -21.17 -7.29
CA GLY B 221 15.11 -21.39 -8.73
C GLY B 221 15.88 -20.39 -9.58
N SER B 222 16.14 -20.76 -10.82
CA SER B 222 16.89 -19.91 -11.73
C SER B 222 16.01 -18.96 -12.57
N SER B 223 14.88 -19.46 -13.06
CA SER B 223 13.98 -18.65 -13.89
C SER B 223 12.52 -18.79 -13.48
N ASP B 224 11.65 -18.16 -14.25
CA ASP B 224 10.21 -18.19 -13.99
C ASP B 224 9.63 -19.58 -14.17
N VAL B 225 10.15 -20.33 -15.14
CA VAL B 225 9.68 -21.69 -15.40
C VAL B 225 10.25 -22.70 -14.41
N ASP B 226 11.52 -22.52 -14.06
CA ASP B 226 12.20 -23.41 -13.14
C ASP B 226 11.67 -23.21 -11.72
N GLN B 227 11.37 -21.95 -11.37
CA GLN B 227 10.85 -21.59 -10.06
C GLN B 227 9.41 -22.07 -9.93
N LEU B 228 8.63 -21.83 -10.98
CA LEU B 228 7.23 -22.27 -10.99
C LEU B 228 7.22 -23.79 -10.86
N GLY B 229 8.18 -24.45 -11.53
CA GLY B 229 8.29 -25.90 -11.49
C GLY B 229 8.77 -26.45 -10.16
N LYS B 230 9.72 -25.77 -9.54
CA LYS B 230 10.25 -26.15 -8.23
C LYS B 230 9.11 -26.11 -7.22
N ILE B 231 8.35 -25.02 -7.26
CA ILE B 231 7.21 -24.79 -6.38
C ILE B 231 6.21 -25.93 -6.55
N LEU B 232 5.75 -26.15 -7.78
CA LEU B 232 4.81 -27.23 -8.06
C LEU B 232 5.38 -28.57 -7.66
N ASP B 233 6.66 -28.79 -7.96
CA ASP B 233 7.32 -30.05 -7.62
C ASP B 233 7.04 -30.45 -6.16
N VAL B 234 6.45 -29.55 -5.39
CA VAL B 234 6.15 -29.84 -4.00
C VAL B 234 4.66 -29.92 -3.71
N ILE B 235 3.95 -28.80 -3.90
CA ILE B 235 2.52 -28.74 -3.65
C ILE B 235 1.77 -29.66 -4.59
N GLY B 236 2.30 -29.82 -5.79
CA GLY B 236 1.66 -30.68 -6.77
C GLY B 236 0.81 -29.90 -7.77
N LEU B 237 0.72 -30.42 -8.99
CA LEU B 237 -0.05 -29.77 -10.04
C LEU B 237 -1.50 -29.54 -9.60
N PRO B 238 -1.92 -28.27 -9.59
CA PRO B 238 -3.27 -27.88 -9.20
C PRO B 238 -4.36 -28.56 -10.04
N GLY B 239 -5.57 -28.03 -9.96
CA GLY B 239 -6.68 -28.59 -10.72
C GLY B 239 -7.14 -27.57 -11.74
N GLU B 240 -7.73 -28.03 -12.83
CA GLU B 240 -8.20 -27.13 -13.88
C GLU B 240 -9.12 -26.03 -13.37
N GLU B 241 -9.31 -25.97 -12.04
CA GLU B 241 -10.17 -24.96 -11.46
C GLU B 241 -9.36 -23.96 -10.63
N ASP B 242 -8.08 -24.27 -10.39
CA ASP B 242 -7.20 -23.42 -9.60
C ASP B 242 -6.14 -22.68 -10.41
N TRP B 243 -6.20 -22.82 -11.73
CA TRP B 243 -5.22 -22.18 -12.59
C TRP B 243 -5.86 -20.96 -13.26
N PRO B 244 -5.13 -19.84 -13.32
CA PRO B 244 -5.71 -18.65 -13.94
C PRO B 244 -6.30 -18.98 -15.29
N ARG B 245 -7.47 -18.43 -15.57
CA ARG B 245 -8.10 -18.63 -16.87
C ARG B 245 -7.67 -17.37 -17.61
N ASP B 246 -7.15 -16.42 -16.82
CA ASP B 246 -6.69 -15.11 -17.26
C ASP B 246 -5.63 -15.13 -18.34
N VAL B 247 -4.43 -15.64 -18.03
CA VAL B 247 -3.39 -15.62 -19.04
C VAL B 247 -2.16 -16.48 -18.85
N ALA B 248 -1.38 -16.53 -19.93
CA ALA B 248 -0.10 -17.21 -20.04
C ALA B 248 -0.05 -18.70 -20.32
N LEU B 249 0.97 -19.32 -19.73
CA LEU B 249 1.25 -20.75 -19.85
C LEU B 249 0.08 -21.58 -19.37
N PRO B 250 -0.21 -22.67 -20.08
CA PRO B 250 -1.29 -23.55 -19.69
C PRO B 250 -0.96 -24.17 -18.33
N ARG B 251 -1.72 -25.20 -17.93
CA ARG B 251 -1.48 -25.90 -16.68
C ARG B 251 -0.83 -27.17 -17.18
N GLN B 252 -0.87 -27.31 -18.50
CA GLN B 252 -0.28 -28.41 -19.24
C GLN B 252 1.18 -28.03 -19.34
N ALA B 253 1.42 -26.72 -19.30
CA ALA B 253 2.76 -26.17 -19.37
C ALA B 253 3.67 -27.03 -18.50
N PHE B 254 3.04 -27.72 -17.54
CA PHE B 254 3.74 -28.59 -16.61
C PHE B 254 3.10 -29.98 -16.61
N HIS B 255 3.87 -30.97 -16.19
CA HIS B 255 3.40 -32.35 -16.17
C HIS B 255 3.16 -32.88 -14.76
N ALA B 259 3.58 -34.21 -5.93
CA ALA B 259 2.80 -34.07 -4.71
C ALA B 259 3.52 -34.72 -3.53
N GLN B 260 4.84 -34.57 -3.50
CA GLN B 260 5.69 -35.15 -2.46
C GLN B 260 5.43 -34.60 -1.05
N PRO B 261 5.35 -35.49 -0.04
CA PRO B 261 5.10 -35.09 1.36
C PRO B 261 5.97 -33.90 1.79
N ILE B 262 5.31 -32.83 2.21
CA ILE B 262 5.98 -31.60 2.61
C ILE B 262 7.14 -31.80 3.58
N GLU B 263 7.06 -32.84 4.41
CA GLU B 263 8.12 -33.10 5.37
C GLU B 263 9.42 -33.43 4.64
N LYS B 264 9.32 -34.22 3.56
CA LYS B 264 10.48 -34.62 2.77
C LYS B 264 11.41 -33.45 2.48
N PHE B 265 10.88 -32.23 2.64
CA PHE B 265 11.67 -31.02 2.38
C PHE B 265 11.90 -30.22 3.67
N VAL B 266 10.95 -30.30 4.59
CA VAL B 266 11.07 -29.59 5.87
C VAL B 266 11.46 -30.55 6.97
N THR B 267 12.76 -30.68 7.20
CA THR B 267 13.28 -31.58 8.23
C THR B 267 12.41 -31.61 9.48
N ASP B 268 11.47 -32.55 9.52
CA ASP B 268 10.59 -32.71 10.68
C ASP B 268 9.70 -31.54 11.03
N ILE B 269 8.49 -31.49 10.50
CA ILE B 269 7.58 -30.42 10.87
C ILE B 269 6.29 -30.98 11.45
N ASP B 270 5.86 -30.39 12.57
CA ASP B 270 4.66 -30.78 13.30
C ASP B 270 3.44 -30.88 12.40
N GLU B 271 2.70 -31.96 12.55
CA GLU B 271 1.51 -32.20 11.75
C GLU B 271 0.60 -30.99 11.62
N LEU B 272 0.52 -30.18 12.66
CA LEU B 272 -0.33 -29.00 12.63
C LEU B 272 0.38 -27.87 11.92
N GLY B 273 1.69 -27.83 12.08
CA GLY B 273 2.48 -26.82 11.43
C GLY B 273 2.56 -27.14 9.96
N LYS B 274 2.78 -28.41 9.63
CA LYS B 274 2.89 -28.88 8.25
C LYS B 274 1.57 -28.63 7.55
N ASP B 275 0.52 -28.47 8.34
CA ASP B 275 -0.81 -28.20 7.79
C ASP B 275 -0.91 -26.72 7.49
N LEU B 276 -0.19 -25.92 8.28
CA LEU B 276 -0.19 -24.47 8.11
C LEU B 276 0.69 -24.11 6.91
N LEU B 277 1.90 -24.65 6.88
CA LEU B 277 2.83 -24.37 5.79
C LEU B 277 2.18 -24.64 4.45
N LEU B 278 1.18 -25.50 4.42
CA LEU B 278 0.52 -25.80 3.17
C LEU B 278 -0.65 -24.87 2.91
N LYS B 279 -1.22 -24.33 3.99
CA LYS B 279 -2.36 -23.42 3.89
C LYS B 279 -1.86 -22.11 3.28
N CYS B 280 -0.59 -21.85 3.47
CA CYS B 280 0.03 -20.64 2.93
C CYS B 280 0.52 -20.96 1.51
N LEU B 281 1.08 -22.15 1.35
CA LEU B 281 1.57 -22.57 0.04
C LEU B 281 0.46 -23.25 -0.74
N THR B 282 -0.69 -22.59 -0.81
CA THR B 282 -1.84 -23.07 -1.58
C THR B 282 -1.72 -22.37 -2.93
N PHE B 283 -1.87 -23.12 -4.03
CA PHE B 283 -1.73 -22.52 -5.35
C PHE B 283 -2.74 -21.44 -5.64
N ASN B 284 -4.02 -21.79 -5.56
CA ASN B 284 -5.07 -20.82 -5.81
C ASN B 284 -4.98 -19.82 -4.66
N PRO B 285 -4.84 -18.54 -4.98
CA PRO B 285 -4.74 -17.53 -3.93
C PRO B 285 -6.02 -17.30 -3.10
N ALA B 286 -7.18 -17.42 -3.73
CA ALA B 286 -8.45 -17.20 -3.03
C ALA B 286 -8.71 -18.27 -1.97
N LYS B 287 -8.00 -19.39 -2.08
CA LYS B 287 -8.16 -20.47 -1.11
C LYS B 287 -7.00 -20.42 -0.12
N ARG B 288 -6.11 -19.45 -0.30
CA ARG B 288 -4.97 -19.33 0.58
C ARG B 288 -5.35 -18.66 1.90
N ILE B 289 -5.03 -19.33 2.99
CA ILE B 289 -5.36 -18.82 4.31
C ILE B 289 -4.90 -17.38 4.50
N SER B 290 -5.65 -16.61 5.27
CA SER B 290 -5.30 -15.21 5.54
C SER B 290 -4.58 -15.07 6.86
N ALA B 291 -3.69 -14.08 6.93
CA ALA B 291 -2.92 -13.80 8.15
C ALA B 291 -3.85 -13.73 9.35
N TYR B 292 -5.08 -13.27 9.12
CA TYR B 292 -6.04 -13.16 10.19
C TYR B 292 -6.31 -14.55 10.74
N SER B 293 -7.02 -15.37 9.95
CA SER B 293 -7.32 -16.72 10.36
C SER B 293 -6.07 -17.51 10.79
N ALA B 294 -4.94 -17.18 10.18
CA ALA B 294 -3.69 -17.86 10.50
C ALA B 294 -3.28 -17.75 11.99
N LEU B 295 -3.61 -16.63 12.62
CA LEU B 295 -3.29 -16.42 14.03
C LEU B 295 -4.25 -17.20 14.91
N SER B 296 -5.27 -17.81 14.30
CA SER B 296 -6.28 -18.61 15.02
C SER B 296 -5.99 -20.10 14.90
N HIS B 297 -5.25 -20.45 13.84
CA HIS B 297 -4.87 -21.82 13.54
C HIS B 297 -4.28 -22.56 14.73
N PRO B 298 -4.64 -23.85 14.86
CA PRO B 298 -4.21 -24.76 15.93
C PRO B 298 -2.70 -24.83 16.19
N TYR B 299 -1.88 -24.55 15.18
CA TYR B 299 -0.43 -24.62 15.36
C TYR B 299 0.07 -23.63 16.42
N PHE B 300 -0.83 -22.77 16.88
CA PHE B 300 -0.48 -21.76 17.88
C PHE B 300 -1.21 -21.96 19.22
N GLN B 301 -2.08 -22.97 19.30
CA GLN B 301 -2.87 -23.28 20.49
C GLN B 301 -2.11 -23.12 21.79
N ASP B 302 -0.82 -23.44 21.80
CA ASP B 302 -0.07 -23.30 23.02
C ASP B 302 1.38 -22.83 22.88
N LEU B 303 1.55 -21.51 22.87
CA LEU B 303 2.85 -20.85 22.81
C LEU B 303 2.80 -19.97 24.06
N GLU B 304 3.93 -19.52 24.57
CA GLU B 304 3.93 -18.67 25.77
C GLU B 304 2.90 -17.56 25.53
N ARG B 305 2.73 -17.20 24.24
CA ARG B 305 1.80 -16.17 23.77
C ARG B 305 1.28 -15.29 24.89
C6 FSE C . 20.63 -6.52 8.88
C5 FSE C . 20.03 -5.53 9.70
C10 FSE C . 19.02 -4.52 9.15
C9 FSE C . 18.73 -4.71 7.71
C8 FSE C . 19.35 -5.74 6.89
C7 FSE C . 20.33 -6.63 7.47
C4 FSE C . 18.37 -3.42 9.90
C3 FSE C . 17.43 -2.50 9.15
C2 FSE C . 17.14 -2.70 7.75
C1' FSE C . 16.25 -2.00 6.81
C6' FSE C . 15.33 -1.02 7.23
C5' FSE C . 14.48 -0.37 6.31
C4' FSE C . 14.55 -0.71 4.94
C3' FSE C . 15.47 -1.67 4.44
C2' FSE C . 16.31 -2.32 5.35
O1 FSE C . 17.78 -3.79 7.10
O4 FSE C . 18.58 -3.18 11.14
O3' FSE C . 15.43 -1.91 3.07
O4' FSE C . 13.72 -0.07 4.10
O3 FSE C . 16.81 -1.43 9.84
O7 FSE C . 20.98 -7.57 6.65
#